data_6SQD
#
_entry.id   6SQD
#
_cell.length_a   97.605
_cell.length_b   97.605
_cell.length_c   139.455
_cell.angle_alpha   90.000
_cell.angle_beta   90.000
_cell.angle_gamma   120.000
#
_symmetry.space_group_name_H-M   'P 62 2 2'
#
loop_
_entity.id
_entity.type
_entity.pdbx_description
1 polymer 'Enoyl-[acyl-carrier-protein] reductase [NADH]'
2 non-polymer NICOTINAMIDE-ADENINE-DINUCLEOTIDE
3 non-polymer '2-pyrazol-1-ylbenzoic acid'
4 water water
#
_entity_poly.entity_id   1
_entity_poly.type   'polypeptide(L)'
_entity_poly.pdbx_seq_one_letter_code
;SMTGLLDGKRILVSGIITDSSIAFHIARVAQEQGAQLVLTGFDRLRLIQRITDRLPAKAPLLELDVQNEEHLASLAGRVT
EAIGAGNKLDGVVHSIGFMPQTGMGINPFFDAPYADVSKGIHISAYSYASMAKALLPIMNPGGSIVGMDFDPSRAMPAYN
WMTVAKSALESVNRFVAREAGKYGVRSNLVAAGPIRTLAMSAIVGGALGEEAGAQIQLLEEGWDQRAPIGWNMKDATPVA
KTVCALLSDWLPATTGDIIYADGGAHTQLL
;
_entity_poly.pdbx_strand_id   A
#
loop_
_chem_comp.id
_chem_comp.type
_chem_comp.name
_chem_comp.formula
LT8 non-polymer '2-pyrazol-1-ylbenzoic acid' 'C10 H8 N2 O2'
NAD non-polymer NICOTINAMIDE-ADENINE-DINUCLEOTIDE 'C21 H27 N7 O14 P2'
#
# COMPACT_ATOMS: atom_id res chain seq x y z
N GLY A 4 -20.21 -13.42 -0.02
CA GLY A 4 -18.94 -12.72 0.12
C GLY A 4 -18.83 -11.50 -0.76
N LEU A 5 -18.25 -10.42 -0.20
CA LEU A 5 -18.15 -9.16 -0.91
C LEU A 5 -17.36 -9.28 -2.21
N LEU A 6 -16.39 -10.19 -2.25
CA LEU A 6 -15.48 -10.33 -3.37
C LEU A 6 -15.58 -11.72 -4.00
N ASP A 7 -16.75 -12.34 -3.88
CA ASP A 7 -16.90 -13.72 -4.30
C ASP A 7 -16.59 -13.86 -5.78
N GLY A 8 -15.72 -14.81 -6.11
CA GLY A 8 -15.34 -15.08 -7.48
C GLY A 8 -14.35 -14.11 -8.09
N LYS A 9 -13.86 -13.13 -7.34
CA LYS A 9 -12.91 -12.18 -7.90
C LYS A 9 -11.48 -12.70 -7.74
N ARG A 10 -10.66 -12.45 -8.74
CA ARG A 10 -9.24 -12.80 -8.71
C ARG A 10 -8.43 -11.54 -8.49
N ILE A 11 -7.66 -11.50 -7.41
CA ILE A 11 -7.05 -10.27 -6.91
C ILE A 11 -5.58 -10.54 -6.58
N LEU A 12 -4.70 -9.68 -7.10
CA LEU A 12 -3.28 -9.72 -6.78
C LEU A 12 -3.00 -8.80 -5.61
N VAL A 13 -2.31 -9.32 -4.58
CA VAL A 13 -1.98 -8.52 -3.41
C VAL A 13 -0.47 -8.51 -3.22
N SER A 14 0.13 -7.33 -3.34
CA SER A 14 1.54 -7.15 -3.09
C SER A 14 1.74 -6.65 -1.66
N GLY A 15 2.97 -6.74 -1.17
CA GLY A 15 3.34 -5.98 0.02
C GLY A 15 3.37 -6.72 1.35
N ILE A 16 3.16 -8.04 1.37
CA ILE A 16 3.26 -8.74 2.64
C ILE A 16 4.74 -8.98 2.95
N ILE A 17 5.16 -8.62 4.16
CA ILE A 17 6.49 -9.00 4.63
C ILE A 17 6.45 -9.59 6.03
N THR A 18 5.54 -9.13 6.88
CA THR A 18 5.31 -9.78 8.18
C THR A 18 3.81 -9.93 8.40
N ASP A 19 3.44 -10.61 9.51
CA ASP A 19 2.02 -10.70 9.81
C ASP A 19 1.42 -9.40 10.34
N SER A 20 2.21 -8.33 10.47
CA SER A 20 1.65 -7.04 10.79
C SER A 20 1.59 -6.11 9.58
N SER A 21 2.03 -6.58 8.42
CA SER A 21 1.89 -5.79 7.20
C SER A 21 0.42 -5.47 6.93
N ILE A 22 0.14 -4.24 6.51
CA ILE A 22 -1.23 -3.91 6.13
C ILE A 22 -1.73 -4.88 5.06
N ALA A 23 -0.85 -5.26 4.13
CA ALA A 23 -1.24 -6.19 3.06
C ALA A 23 -1.59 -7.57 3.59
N PHE A 24 -1.02 -7.99 4.73
CA PHE A 24 -1.43 -9.28 5.28
C PHE A 24 -2.90 -9.25 5.64
N HIS A 25 -3.36 -8.14 6.22
CA HIS A 25 -4.75 -8.04 6.63
C HIS A 25 -5.68 -7.79 5.46
N ILE A 26 -5.21 -7.04 4.44
CA ILE A 26 -5.96 -6.95 3.19
C ILE A 26 -6.20 -8.33 2.62
N ALA A 27 -5.14 -9.14 2.53
CA ALA A 27 -5.26 -10.49 1.99
C ALA A 27 -6.21 -11.35 2.81
N ARG A 28 -6.11 -11.30 4.13
CA ARG A 28 -6.97 -12.11 4.98
C ARG A 28 -8.44 -11.75 4.78
N VAL A 29 -8.76 -10.45 4.83
CA VAL A 29 -10.16 -10.04 4.68
C VAL A 29 -10.68 -10.37 3.29
N ALA A 30 -9.86 -10.14 2.26
CA ALA A 30 -10.31 -10.46 0.91
C ALA A 30 -10.63 -11.95 0.77
N GLN A 31 -9.82 -12.81 1.37
CA GLN A 31 -10.09 -14.24 1.32
C GLN A 31 -11.34 -14.60 2.11
N GLU A 32 -11.53 -13.96 3.28
CA GLU A 32 -12.76 -14.15 4.03
C GLU A 32 -13.98 -13.80 3.20
N GLN A 33 -13.82 -12.87 2.26
CA GLN A 33 -14.91 -12.37 1.43
C GLN A 33 -14.98 -13.06 0.08
N GLY A 34 -14.30 -14.20 -0.07
CA GLY A 34 -14.46 -15.02 -1.25
C GLY A 34 -13.50 -14.78 -2.39
N ALA A 35 -12.54 -13.87 -2.24
CA ALA A 35 -11.61 -13.60 -3.31
C ALA A 35 -10.56 -14.70 -3.42
N GLN A 36 -10.11 -14.95 -4.66
CA GLN A 36 -9.01 -15.87 -4.93
C GLN A 36 -7.77 -15.04 -5.23
N LEU A 37 -6.71 -15.25 -4.44
CA LEU A 37 -5.58 -14.33 -4.43
C LEU A 37 -4.38 -14.88 -5.17
N VAL A 38 -3.61 -13.96 -5.73
CA VAL A 38 -2.22 -14.16 -6.11
C VAL A 38 -1.39 -13.17 -5.31
N LEU A 39 -0.37 -13.65 -4.62
CA LEU A 39 0.46 -12.78 -3.79
C LEU A 39 1.79 -12.49 -4.49
N THR A 40 2.32 -11.29 -4.26
CA THR A 40 3.67 -11.00 -4.70
C THR A 40 4.50 -10.55 -3.51
N GLY A 41 5.77 -10.94 -3.53
CA GLY A 41 6.67 -10.65 -2.42
C GLY A 41 8.04 -10.24 -2.91
N PHE A 42 8.74 -9.48 -2.07
CA PHE A 42 10.03 -8.90 -2.40
C PHE A 42 11.13 -9.50 -1.54
N ASP A 43 12.15 -10.05 -2.21
CA ASP A 43 13.45 -10.38 -1.61
C ASP A 43 13.42 -11.63 -0.74
N ARG A 44 12.69 -11.61 0.36
CA ARG A 44 12.74 -12.70 1.35
C ARG A 44 11.55 -13.63 1.15
N LEU A 45 11.60 -14.38 0.05
CA LEU A 45 10.43 -15.14 -0.39
C LEU A 45 10.16 -16.35 0.50
N ARG A 46 11.19 -16.94 1.11
CA ARG A 46 10.90 -18.05 2.02
C ARG A 46 10.23 -17.55 3.29
N LEU A 47 10.66 -16.39 3.79
CA LEU A 47 9.97 -15.77 4.92
C LEU A 47 8.52 -15.47 4.57
N ILE A 48 8.30 -14.87 3.41
CA ILE A 48 6.96 -14.45 3.04
C ILE A 48 6.05 -15.66 2.87
N GLN A 49 6.58 -16.74 2.28
CA GLN A 49 5.77 -17.96 2.16
C GLN A 49 5.35 -18.46 3.53
N ARG A 50 6.29 -18.48 4.48
CA ARG A 50 5.99 -18.93 5.83
C ARG A 50 4.93 -18.03 6.47
N ILE A 51 5.06 -16.71 6.29
CA ILE A 51 4.07 -15.77 6.81
C ILE A 51 2.70 -16.03 6.18
N THR A 52 2.65 -16.14 4.85
CA THR A 52 1.36 -16.26 4.19
C THR A 52 0.74 -17.65 4.32
N ASP A 53 1.49 -18.64 4.84
CA ASP A 53 0.88 -19.92 5.19
C ASP A 53 -0.20 -19.75 6.27
N ARG A 54 -0.20 -18.64 7.00
CA ARG A 54 -1.18 -18.40 8.05
C ARG A 54 -2.47 -17.74 7.52
N LEU A 55 -2.54 -17.41 6.22
CA LEU A 55 -3.76 -16.87 5.66
C LEU A 55 -4.85 -17.94 5.60
N PRO A 56 -6.12 -17.53 5.54
CA PRO A 56 -7.22 -18.51 5.52
C PRO A 56 -7.11 -19.53 4.39
N ALA A 57 -6.52 -19.17 3.26
CA ALA A 57 -6.44 -20.05 2.10
C ALA A 57 -5.06 -19.96 1.46
N LYS A 58 -4.62 -21.06 0.88
CA LYS A 58 -3.37 -21.08 0.15
C LYS A 58 -3.47 -20.19 -1.08
N ALA A 59 -2.40 -19.46 -1.36
CA ALA A 59 -2.34 -18.57 -2.52
C ALA A 59 -0.98 -18.68 -3.16
N PRO A 60 -0.91 -18.68 -4.49
CA PRO A 60 0.40 -18.69 -5.16
C PRO A 60 1.17 -17.42 -4.83
N LEU A 61 2.49 -17.56 -4.71
CA LEU A 61 3.36 -16.44 -4.33
C LEU A 61 4.39 -16.25 -5.42
N LEU A 62 4.39 -15.05 -6.02
CA LEU A 62 5.29 -14.69 -7.10
C LEU A 62 6.29 -13.65 -6.61
N GLU A 63 7.52 -13.73 -7.11
CA GLU A 63 8.52 -12.74 -6.74
C GLU A 63 8.33 -11.46 -7.56
N LEU A 64 8.35 -10.31 -6.88
CA LEU A 64 8.26 -9.02 -7.57
C LEU A 64 9.07 -8.00 -6.79
N ASP A 65 10.22 -7.62 -7.35
CA ASP A 65 10.97 -6.43 -6.96
C ASP A 65 10.58 -5.32 -7.93
N VAL A 66 9.86 -4.31 -7.44
CA VAL A 66 9.34 -3.31 -8.38
C VAL A 66 10.42 -2.46 -9.03
N GLN A 67 11.65 -2.54 -8.56
CA GLN A 67 12.76 -1.90 -9.25
C GLN A 67 13.39 -2.78 -10.32
N ASN A 68 12.92 -4.01 -10.47
CA ASN A 68 13.50 -4.97 -11.42
C ASN A 68 12.64 -5.00 -12.69
N GLU A 69 13.17 -4.46 -13.78
CA GLU A 69 12.38 -4.38 -15.01
C GLU A 69 12.05 -5.76 -15.56
N GLU A 70 12.90 -6.77 -15.29
CA GLU A 70 12.62 -8.11 -15.79
C GLU A 70 11.49 -8.76 -15.00
N HIS A 71 11.45 -8.54 -13.68
CA HIS A 71 10.31 -8.99 -12.88
C HIS A 71 9.01 -8.40 -13.42
N LEU A 72 9.03 -7.12 -13.78
CA LEU A 72 7.82 -6.45 -14.22
C LEU A 72 7.43 -6.91 -15.62
N ALA A 73 8.42 -7.15 -16.50
CA ALA A 73 8.13 -7.60 -17.85
C ALA A 73 7.53 -9.00 -17.87
N SER A 74 7.89 -9.84 -16.92
CA SER A 74 7.41 -11.22 -16.87
C SER A 74 6.17 -11.38 -16.00
N LEU A 75 5.77 -10.33 -15.27
CA LEU A 75 4.77 -10.47 -14.21
C LEU A 75 3.43 -10.95 -14.75
N ALA A 76 2.94 -10.32 -15.83
CA ALA A 76 1.64 -10.70 -16.36
C ALA A 76 1.60 -12.17 -16.78
N GLY A 77 2.68 -12.64 -17.41
CA GLY A 77 2.71 -14.03 -17.81
C GLY A 77 2.73 -14.98 -16.63
N ARG A 78 3.45 -14.61 -15.56
CA ARG A 78 3.50 -15.46 -14.38
C ARG A 78 2.17 -15.46 -13.64
N VAL A 79 1.48 -14.31 -13.61
CA VAL A 79 0.14 -14.28 -13.00
C VAL A 79 -0.82 -15.15 -13.79
N THR A 80 -0.81 -15.02 -15.13
CA THR A 80 -1.71 -15.83 -15.95
C THR A 80 -1.44 -17.31 -15.76
N GLU A 81 -0.16 -17.69 -15.66
CA GLU A 81 0.18 -19.08 -15.35
C GLU A 81 -0.41 -19.50 -14.01
N ALA A 82 -0.46 -18.58 -13.05
CA ALA A 82 -0.95 -18.92 -11.71
C ALA A 82 -2.48 -19.05 -11.67
N ILE A 83 -3.19 -18.20 -12.41
CA ILE A 83 -4.66 -18.23 -12.34
C ILE A 83 -5.28 -19.01 -13.48
N GLY A 84 -4.50 -19.44 -14.47
CA GLY A 84 -5.02 -20.22 -15.57
C GLY A 84 -5.25 -19.40 -16.83
N ALA A 85 -4.84 -19.92 -17.97
CA ALA A 85 -5.09 -19.25 -19.24
C ALA A 85 -6.57 -19.00 -19.44
N GLY A 86 -6.90 -17.84 -20.02
CA GLY A 86 -8.27 -17.44 -20.18
C GLY A 86 -8.88 -16.73 -19.00
N ASN A 87 -8.21 -16.73 -17.86
CA ASN A 87 -8.64 -15.99 -16.69
C ASN A 87 -7.85 -14.70 -16.58
N LYS A 88 -8.51 -13.65 -16.12
CA LYS A 88 -7.86 -12.38 -15.86
C LYS A 88 -8.07 -11.96 -14.40
N LEU A 89 -7.35 -10.92 -14.02
CA LEU A 89 -7.49 -10.34 -12.68
C LEU A 89 -8.67 -9.37 -12.63
N ASP A 90 -9.33 -9.35 -11.47
CA ASP A 90 -10.34 -8.34 -11.18
C ASP A 90 -9.84 -7.24 -10.27
N GLY A 91 -8.74 -7.48 -9.57
CA GLY A 91 -8.24 -6.48 -8.63
C GLY A 91 -6.75 -6.57 -8.48
N VAL A 92 -6.13 -5.43 -8.13
CA VAL A 92 -4.71 -5.33 -7.87
C VAL A 92 -4.53 -4.43 -6.65
N VAL A 93 -3.75 -4.89 -5.67
CA VAL A 93 -3.46 -4.10 -4.47
C VAL A 93 -1.96 -3.80 -4.43
N HIS A 94 -1.63 -2.52 -4.45
CA HIS A 94 -0.27 -2.02 -4.28
C HIS A 94 -0.14 -1.62 -2.82
N SER A 95 0.65 -2.37 -2.04
CA SER A 95 0.84 -2.03 -0.63
C SER A 95 2.36 -2.08 -0.36
N ILE A 96 3.06 -1.19 -1.07
CA ILE A 96 4.51 -1.19 -1.20
C ILE A 96 5.02 0.20 -0.86
N GLY A 97 5.96 0.28 0.06
CA GLY A 97 6.52 1.56 0.42
C GLY A 97 7.90 1.40 1.02
N PHE A 98 8.79 2.33 0.73
CA PHE A 98 10.13 2.29 1.30
C PHE A 98 10.79 3.65 1.10
N MET A 99 11.51 4.10 2.12
CA MET A 99 12.35 5.29 1.99
C MET A 99 13.59 4.99 2.82
N PRO A 100 14.80 5.15 2.26
CA PRO A 100 16.01 4.93 3.07
C PRO A 100 15.98 5.77 4.34
N GLN A 101 16.70 5.31 5.36
CA GLN A 101 16.66 5.96 6.66
C GLN A 101 17.04 7.43 6.57
N THR A 102 17.93 7.78 5.63
CA THR A 102 18.35 9.18 5.46
C THR A 102 17.19 10.09 5.09
N GLY A 103 16.12 9.53 4.52
CA GLY A 103 14.97 10.32 4.13
C GLY A 103 13.86 10.34 5.15
N MET A 104 14.04 9.70 6.30
N MET A 104 14.01 9.70 6.31
CA MET A 104 13.17 9.88 7.46
CA MET A 104 12.89 9.52 7.23
C MET A 104 14.03 10.11 8.68
C MET A 104 13.25 9.91 8.66
N GLY A 105 13.44 10.04 9.86
N GLY A 105 14.08 10.92 8.83
CA GLY A 105 14.23 10.04 11.07
CA GLY A 105 14.27 11.53 10.13
C GLY A 105 14.70 11.41 11.51
C GLY A 105 15.49 11.09 10.90
N ILE A 106 15.68 11.38 12.42
N ILE A 106 16.23 10.08 10.42
CA ILE A 106 16.25 12.60 12.99
CA ILE A 106 17.48 9.74 11.10
C ILE A 106 17.31 13.22 12.09
C ILE A 106 18.49 10.87 10.97
N ASN A 107 17.88 12.44 11.16
N ASN A 107 18.30 11.75 9.98
CA ASN A 107 18.78 12.99 10.16
CA ASN A 107 19.08 12.97 9.84
C ASN A 107 18.07 14.13 9.44
C ASN A 107 18.17 14.10 9.38
N PRO A 108 18.63 15.34 9.42
CA PRO A 108 17.86 16.49 8.91
C PRO A 108 17.35 16.26 7.49
N PHE A 109 16.18 16.87 7.22
CA PHE A 109 15.55 16.80 5.91
C PHE A 109 16.52 17.13 4.78
N PHE A 110 17.34 18.17 4.96
CA PHE A 110 18.26 18.60 3.92
C PHE A 110 19.40 17.62 3.67
N ASP A 111 19.63 16.66 4.56
CA ASP A 111 20.79 15.78 4.46
C ASP A 111 20.50 14.46 3.75
N ALA A 112 19.29 14.25 3.26
CA ALA A 112 19.02 13.06 2.46
C ALA A 112 19.62 13.22 1.07
N PRO A 113 20.55 12.36 0.65
CA PRO A 113 21.09 12.46 -0.71
C PRO A 113 20.03 12.08 -1.72
N TYR A 114 20.12 12.68 -2.92
CA TYR A 114 19.04 12.41 -3.87
C TYR A 114 19.01 10.95 -4.30
N ALA A 115 20.15 10.27 -4.33
CA ALA A 115 20.13 8.85 -4.65
C ALA A 115 19.19 8.08 -3.74
N ASP A 116 19.17 8.43 -2.45
CA ASP A 116 18.28 7.77 -1.51
C ASP A 116 16.83 8.17 -1.73
N VAL A 117 16.57 9.47 -1.90
CA VAL A 117 15.22 9.94 -2.17
C VAL A 117 14.68 9.29 -3.44
N SER A 118 15.50 9.22 -4.48
CA SER A 118 14.99 8.70 -5.74
C SER A 118 14.68 7.21 -5.64
N LYS A 119 15.45 6.48 -4.84
CA LYS A 119 15.09 5.07 -4.58
C LYS A 119 13.74 4.97 -3.89
N GLY A 120 13.51 5.82 -2.89
CA GLY A 120 12.23 5.80 -2.19
C GLY A 120 11.07 6.18 -3.08
N ILE A 121 11.27 7.17 -3.97
CA ILE A 121 10.21 7.57 -4.88
C ILE A 121 9.96 6.48 -5.92
N HIS A 122 11.02 5.81 -6.36
CA HIS A 122 10.87 4.70 -7.30
C HIS A 122 9.97 3.62 -6.70
N ILE A 123 10.28 3.19 -5.47
CA ILE A 123 9.55 2.08 -4.87
C ILE A 123 8.16 2.52 -4.43
N SER A 124 8.03 3.73 -3.88
CA SER A 124 6.79 4.13 -3.25
C SER A 124 5.80 4.82 -4.18
N ALA A 125 6.25 5.38 -5.30
CA ALA A 125 5.36 6.15 -6.16
C ALA A 125 5.39 5.69 -7.62
N TYR A 126 6.58 5.68 -8.23
CA TYR A 126 6.65 5.27 -9.64
C TYR A 126 6.14 3.86 -9.83
N SER A 127 6.38 2.97 -8.86
CA SER A 127 6.00 1.57 -9.03
C SER A 127 4.49 1.38 -9.07
N TYR A 128 3.70 2.34 -8.60
CA TYR A 128 2.26 2.23 -8.79
C TYR A 128 1.91 2.28 -10.27
N ALA A 129 2.57 3.17 -11.03
CA ALA A 129 2.39 3.16 -12.48
C ALA A 129 3.00 1.91 -13.11
N SER A 130 4.15 1.45 -12.61
CA SER A 130 4.80 0.25 -13.17
C SER A 130 3.89 -0.96 -13.06
N MET A 131 3.27 -1.15 -11.88
CA MET A 131 2.41 -2.31 -11.69
C MET A 131 1.15 -2.21 -12.55
N ALA A 132 0.58 -1.00 -12.65
CA ALA A 132 -0.57 -0.82 -13.52
C ALA A 132 -0.23 -1.10 -14.98
N LYS A 133 0.95 -0.66 -15.43
CA LYS A 133 1.36 -0.94 -16.80
C LYS A 133 1.46 -2.44 -17.05
N ALA A 134 2.02 -3.17 -16.08
CA ALA A 134 2.20 -4.60 -16.25
C ALA A 134 0.88 -5.37 -16.20
N LEU A 135 -0.07 -4.92 -15.37
CA LEU A 135 -1.23 -5.75 -15.08
C LEU A 135 -2.51 -5.35 -15.77
N LEU A 136 -2.67 -4.08 -16.18
CA LEU A 136 -3.89 -3.71 -16.90
C LEU A 136 -4.17 -4.60 -18.10
N PRO A 137 -3.18 -5.05 -18.90
CA PRO A 137 -3.50 -5.95 -20.03
C PRO A 137 -4.10 -7.28 -19.62
N ILE A 138 -4.02 -7.68 -18.35
CA ILE A 138 -4.67 -8.91 -17.92
C ILE A 138 -5.70 -8.62 -16.84
N MET A 139 -6.34 -7.46 -16.90
CA MET A 139 -7.42 -7.11 -15.99
C MET A 139 -8.77 -7.05 -16.72
N ASN A 140 -9.81 -7.53 -16.05
CA ASN A 140 -11.17 -7.51 -16.59
C ASN A 140 -11.79 -6.12 -16.49
N PRO A 141 -12.69 -5.77 -17.40
CA PRO A 141 -13.49 -4.56 -17.22
C PRO A 141 -14.25 -4.63 -15.90
N GLY A 142 -14.44 -3.48 -15.28
CA GLY A 142 -14.98 -3.45 -13.94
C GLY A 142 -13.97 -3.74 -12.85
N GLY A 143 -12.69 -3.89 -13.21
CA GLY A 143 -11.65 -4.17 -12.25
C GLY A 143 -11.27 -2.94 -11.44
N SER A 144 -10.37 -3.17 -10.48
CA SER A 144 -10.03 -2.14 -9.51
C SER A 144 -8.56 -2.26 -9.09
N ILE A 145 -7.83 -1.15 -9.15
CA ILE A 145 -6.47 -1.06 -8.63
C ILE A 145 -6.50 -0.16 -7.40
N VAL A 146 -5.88 -0.61 -6.30
CA VAL A 146 -5.89 0.14 -5.06
C VAL A 146 -4.46 0.23 -4.54
N GLY A 147 -4.05 1.43 -4.13
CA GLY A 147 -2.76 1.59 -3.48
C GLY A 147 -2.90 2.21 -2.10
N MET A 148 -1.88 2.06 -1.26
CA MET A 148 -1.89 2.57 0.10
C MET A 148 -1.21 3.93 0.19
N ASP A 149 -1.84 4.88 0.88
CA ASP A 149 -1.44 6.27 0.98
C ASP A 149 -1.38 6.66 2.46
N PHE A 150 -0.59 7.71 2.75
CA PHE A 150 -0.61 8.37 4.06
C PHE A 150 -0.69 9.86 3.77
N ASP A 151 -1.79 10.49 4.20
CA ASP A 151 -2.15 11.85 3.77
C ASP A 151 -0.97 12.80 3.84
N PRO A 152 -0.45 13.29 2.69
CA PRO A 152 0.73 14.15 2.68
C PRO A 152 0.41 15.62 2.43
N SER A 153 -0.86 16.03 2.61
CA SER A 153 -1.27 17.37 2.20
C SER A 153 -0.63 18.43 3.09
N ARG A 154 -0.18 18.03 4.28
CA ARG A 154 0.54 18.91 5.18
CA ARG A 154 0.55 18.91 5.19
C ARG A 154 1.84 18.23 5.62
N ALA A 155 2.87 19.03 5.85
CA ALA A 155 4.13 18.45 6.29
C ALA A 155 4.00 17.97 7.73
N MET A 156 4.80 16.98 8.10
CA MET A 156 4.82 16.50 9.47
C MET A 156 6.24 16.15 9.86
N PRO A 157 6.56 16.17 11.15
CA PRO A 157 7.93 15.83 11.55
C PRO A 157 8.27 14.38 11.20
N ALA A 158 9.55 14.16 10.88
CA ALA A 158 10.17 12.84 10.76
C ALA A 158 9.79 12.11 9.47
N TYR A 159 8.51 12.12 9.06
CA TYR A 159 8.11 11.40 7.86
C TYR A 159 8.87 11.93 6.64
N ASN A 160 9.20 13.22 6.65
CA ASN A 160 10.13 13.86 5.71
C ASN A 160 9.94 13.42 4.26
N TRP A 161 10.95 12.76 3.67
CA TRP A 161 10.86 12.49 2.23
C TRP A 161 9.87 11.40 1.90
N MET A 162 9.45 10.57 2.87
CA MET A 162 8.36 9.65 2.60
C MET A 162 7.06 10.41 2.32
N THR A 163 6.86 11.56 2.99
CA THR A 163 5.71 12.42 2.70
C THR A 163 5.76 12.90 1.26
N VAL A 164 6.94 13.34 0.82
CA VAL A 164 7.10 13.78 -0.56
C VAL A 164 6.77 12.66 -1.52
N ALA A 165 7.20 11.43 -1.19
CA ALA A 165 6.90 10.28 -2.03
C ALA A 165 5.41 10.03 -2.11
N LYS A 166 4.69 10.20 -0.99
CA LYS A 166 3.23 10.03 -1.03
C LYS A 166 2.55 11.14 -1.81
N SER A 167 3.08 12.37 -1.74
CA SER A 167 2.56 13.41 -2.63
C SER A 167 2.70 13.02 -4.09
N ALA A 168 3.85 12.44 -4.45
CA ALA A 168 4.02 11.99 -5.83
C ALA A 168 3.07 10.84 -6.15
N LEU A 169 2.90 9.90 -5.21
CA LEU A 169 2.00 8.78 -5.44
C LEU A 169 0.57 9.23 -5.73
N GLU A 170 0.09 10.22 -4.97
CA GLU A 170 -1.27 10.71 -5.20
C GLU A 170 -1.40 11.27 -6.62
N SER A 171 -0.37 11.97 -7.09
CA SER A 171 -0.39 12.49 -8.45
C SER A 171 -0.34 11.36 -9.46
N VAL A 172 0.51 10.35 -9.21
CA VAL A 172 0.60 9.20 -10.10
C VAL A 172 -0.76 8.50 -10.22
N ASN A 173 -1.46 8.34 -9.09
CA ASN A 173 -2.76 7.68 -9.10
C ASN A 173 -3.74 8.38 -10.04
N ARG A 174 -3.73 9.71 -10.08
CA ARG A 174 -4.66 10.40 -10.96
C ARG A 174 -4.35 10.13 -12.43
N PHE A 175 -3.07 9.94 -12.77
CA PHE A 175 -2.75 9.60 -14.16
C PHE A 175 -3.00 8.13 -14.44
N VAL A 176 -2.77 7.25 -13.46
CA VAL A 176 -3.07 5.83 -13.67
C VAL A 176 -4.57 5.66 -13.94
N ALA A 177 -5.41 6.43 -13.24
CA ALA A 177 -6.85 6.37 -13.49
C ALA A 177 -7.18 6.66 -14.94
N ARG A 178 -6.50 7.63 -15.55
CA ARG A 178 -6.74 7.93 -16.97
C ARG A 178 -6.45 6.72 -17.83
N GLU A 179 -5.32 6.06 -17.60
CA GLU A 179 -4.96 4.89 -18.38
C GLU A 179 -5.89 3.71 -18.08
N ALA A 180 -6.17 3.48 -16.80
CA ALA A 180 -6.97 2.33 -16.39
C ALA A 180 -8.39 2.44 -16.92
N GLY A 181 -8.90 3.67 -17.06
CA GLY A 181 -10.26 3.85 -17.53
C GLY A 181 -10.49 3.32 -18.93
N LYS A 182 -9.44 3.28 -19.76
CA LYS A 182 -9.54 2.71 -21.09
C LYS A 182 -9.83 1.21 -21.05
N TYR A 183 -9.51 0.55 -19.94
CA TYR A 183 -9.80 -0.86 -19.71
C TYR A 183 -11.06 -1.09 -18.89
N GLY A 184 -11.78 -0.02 -18.54
CA GLY A 184 -12.91 -0.17 -17.65
C GLY A 184 -12.50 -0.42 -16.22
N VAL A 185 -11.29 0.00 -15.84
CA VAL A 185 -10.73 -0.28 -14.51
C VAL A 185 -10.60 1.02 -13.74
N ARG A 186 -10.89 0.95 -12.43
CA ARG A 186 -10.74 2.08 -11.51
C ARG A 186 -9.38 2.04 -10.84
N SER A 187 -8.89 3.22 -10.44
CA SER A 187 -7.64 3.31 -9.69
C SER A 187 -7.86 4.27 -8.53
N ASN A 188 -7.56 3.84 -7.30
CA ASN A 188 -7.78 4.71 -6.14
C ASN A 188 -6.74 4.38 -5.09
N LEU A 189 -6.55 5.32 -4.17
CA LEU A 189 -5.73 5.09 -2.99
C LEU A 189 -6.59 5.07 -1.74
N VAL A 190 -6.14 4.31 -0.74
CA VAL A 190 -6.67 4.38 0.61
C VAL A 190 -5.62 5.07 1.48
N ALA A 191 -5.99 6.23 2.03
CA ALA A 191 -5.14 6.97 2.95
C ALA A 191 -5.47 6.48 4.35
N ALA A 192 -4.57 5.69 4.92
CA ALA A 192 -4.78 5.09 6.23
C ALA A 192 -4.21 5.96 7.32
N GLY A 193 -4.81 5.88 8.51
CA GLY A 193 -4.17 6.38 9.71
C GLY A 193 -2.96 5.53 10.06
N PRO A 194 -2.22 5.93 11.07
CA PRO A 194 -0.98 5.20 11.42
C PRO A 194 -1.28 3.80 11.96
N ILE A 195 -0.49 2.83 11.50
CA ILE A 195 -0.67 1.42 11.86
C ILE A 195 0.65 0.88 12.41
N ARG A 196 0.59 0.17 13.54
CA ARG A 196 1.78 -0.32 14.21
C ARG A 196 2.29 -1.59 13.53
N THR A 197 2.82 -1.41 12.32
CA THR A 197 3.59 -2.46 11.67
C THR A 197 4.90 -2.66 12.43
N LEU A 198 5.64 -3.70 12.04
CA LEU A 198 6.94 -3.95 12.67
C LEU A 198 7.88 -2.75 12.44
N ALA A 199 7.92 -2.24 11.22
CA ALA A 199 8.77 -1.09 10.92
C ALA A 199 8.34 0.14 11.72
N MET A 200 7.03 0.37 11.83
CA MET A 200 6.53 1.53 12.56
C MET A 200 6.85 1.40 14.05
N SER A 201 6.67 0.21 14.62
CA SER A 201 6.98 0.03 16.04
C SER A 201 8.46 0.22 16.30
N ALA A 202 9.31 -0.21 15.37
CA ALA A 202 10.75 -0.02 15.53
C ALA A 202 11.11 1.46 15.55
N ILE A 203 10.48 2.26 14.69
CA ILE A 203 10.74 3.71 14.68
C ILE A 203 10.33 4.33 16.02
N VAL A 204 9.12 4.02 16.48
CA VAL A 204 8.67 4.55 17.77
C VAL A 204 9.62 4.13 18.89
N GLY A 205 10.16 2.91 18.78
CA GLY A 205 11.15 2.46 19.73
C GLY A 205 12.53 3.08 19.57
N GLY A 206 12.72 3.96 18.59
CA GLY A 206 13.97 4.67 18.45
C GLY A 206 14.93 4.17 17.39
N ALA A 207 14.45 3.38 16.42
CA ALA A 207 15.37 2.82 15.41
C ALA A 207 15.99 3.90 14.54
N LEU A 208 15.31 5.03 14.36
CA LEU A 208 15.81 6.15 13.56
C LEU A 208 16.25 7.33 14.42
N GLY A 209 16.55 7.09 15.68
CA GLY A 209 16.89 8.17 16.59
C GLY A 209 15.74 8.54 17.51
N GLU A 210 16.09 9.12 18.66
CA GLU A 210 15.09 9.41 19.68
C GLU A 210 14.13 10.51 19.24
N GLU A 211 14.65 11.55 18.58
CA GLU A 211 13.78 12.64 18.15
C GLU A 211 12.71 12.16 17.18
N ALA A 212 13.09 11.34 16.19
CA ALA A 212 12.11 10.83 15.24
C ALA A 212 11.08 9.96 15.93
N GLY A 213 11.53 9.11 16.85
CA GLY A 213 10.60 8.28 17.59
C GLY A 213 9.61 9.09 18.41
N ALA A 214 10.09 10.12 19.10
CA ALA A 214 9.20 10.96 19.88
C ALA A 214 8.20 11.68 18.99
N GLN A 215 8.66 12.17 17.84
CA GLN A 215 7.76 12.89 16.93
C GLN A 215 6.68 11.95 16.37
N ILE A 216 7.05 10.72 16.02
CA ILE A 216 6.07 9.80 15.47
C ILE A 216 5.07 9.37 16.54
N GLN A 217 5.53 9.18 17.79
CA GLN A 217 4.60 8.83 18.85
C GLN A 217 3.59 9.94 19.09
N LEU A 218 4.04 11.20 19.04
CA LEU A 218 3.11 12.32 19.18
C LEU A 218 2.12 12.38 18.02
N LEU A 219 2.57 12.10 16.79
CA LEU A 219 1.66 12.02 15.65
C LEU A 219 0.54 11.02 15.90
N GLU A 220 0.87 9.80 16.37
CA GLU A 220 -0.15 8.77 16.56
C GLU A 220 -1.17 9.20 17.62
N GLU A 221 -0.70 9.83 18.68
CA GLU A 221 -1.61 10.16 19.77
C GLU A 221 -2.62 11.22 19.35
N GLY A 222 -2.19 12.22 18.58
CA GLY A 222 -3.13 13.22 18.09
C GLY A 222 -4.18 12.63 17.16
N TRP A 223 -3.85 11.55 16.48
CA TRP A 223 -4.78 10.92 15.54
C TRP A 223 -6.02 10.39 16.25
N ASP A 224 -5.84 9.59 17.28
CA ASP A 224 -6.99 9.09 18.02
C ASP A 224 -7.77 10.24 18.65
N GLN A 225 -7.06 11.29 19.08
CA GLN A 225 -7.74 12.43 19.70
C GLN A 225 -8.63 13.15 18.69
N ARG A 226 -8.13 13.34 17.46
CA ARG A 226 -8.87 14.08 16.44
C ARG A 226 -10.02 13.27 15.85
N ALA A 227 -9.84 11.96 15.72
CA ALA A 227 -10.79 11.13 14.98
C ALA A 227 -12.13 11.09 15.69
N PRO A 228 -13.23 11.52 15.05
CA PRO A 228 -14.53 11.48 15.76
C PRO A 228 -14.98 10.10 16.17
N ILE A 229 -14.52 9.04 15.49
CA ILE A 229 -14.83 7.68 15.90
C ILE A 229 -13.62 6.98 16.49
N GLY A 230 -12.58 7.72 16.83
CA GLY A 230 -11.37 7.14 17.36
C GLY A 230 -10.54 6.45 16.28
N TRP A 231 -9.32 6.10 16.66
CA TRP A 231 -8.35 5.44 15.78
C TRP A 231 -7.54 4.47 16.62
N ASN A 232 -7.51 3.21 16.20
CA ASN A 232 -6.77 2.17 16.90
C ASN A 232 -5.61 1.75 16.01
N MET A 233 -4.42 2.27 16.33
CA MET A 233 -3.23 1.98 15.52
C MET A 233 -2.83 0.51 15.58
N LYS A 234 -3.36 -0.27 16.52
CA LYS A 234 -3.00 -1.68 16.59
C LYS A 234 -3.93 -2.56 15.78
N ASP A 235 -4.91 -1.97 15.08
CA ASP A 235 -5.94 -2.75 14.37
C ASP A 235 -5.99 -2.31 12.91
N ALA A 236 -5.41 -3.13 12.02
CA ALA A 236 -5.47 -2.79 10.60
C ALA A 236 -6.75 -3.24 9.91
N THR A 237 -7.62 -3.97 10.60
CA THR A 237 -8.82 -4.48 9.94
C THR A 237 -9.70 -3.40 9.30
N PRO A 238 -9.95 -2.24 9.94
CA PRO A 238 -10.76 -1.22 9.23
C PRO A 238 -10.13 -0.73 7.94
N VAL A 239 -8.80 -0.68 7.88
CA VAL A 239 -8.11 -0.31 6.64
C VAL A 239 -8.31 -1.39 5.59
N ALA A 240 -8.13 -2.65 5.99
CA ALA A 240 -8.31 -3.77 5.07
C ALA A 240 -9.72 -3.81 4.51
N LYS A 241 -10.73 -3.58 5.35
CA LYS A 241 -12.11 -3.57 4.87
C LYS A 241 -12.33 -2.48 3.84
N THR A 242 -11.73 -1.30 4.07
CA THR A 242 -11.87 -0.19 3.12
C THR A 242 -11.24 -0.53 1.78
N VAL A 243 -10.07 -1.17 1.79
CA VAL A 243 -9.47 -1.64 0.53
C VAL A 243 -10.41 -2.60 -0.18
N CYS A 244 -11.02 -3.53 0.57
CA CYS A 244 -11.96 -4.47 -0.03
C CYS A 244 -13.19 -3.75 -0.57
N ALA A 245 -13.65 -2.70 0.10
CA ALA A 245 -14.75 -1.91 -0.47
C ALA A 245 -14.40 -1.38 -1.85
N LEU A 246 -13.16 -0.87 -2.01
CA LEU A 246 -12.77 -0.35 -3.32
C LEU A 246 -12.57 -1.46 -4.35
N LEU A 247 -12.17 -2.65 -3.90
CA LEU A 247 -12.04 -3.79 -4.80
C LEU A 247 -13.38 -4.34 -5.24
N SER A 248 -14.45 -4.07 -4.48
CA SER A 248 -15.77 -4.59 -4.76
C SER A 248 -16.45 -3.77 -5.87
N ASP A 249 -17.69 -4.13 -6.17
CA ASP A 249 -18.48 -3.41 -7.16
C ASP A 249 -19.27 -2.25 -6.55
N TRP A 250 -19.01 -1.89 -5.29
CA TRP A 250 -19.90 -0.97 -4.57
C TRP A 250 -19.41 0.47 -4.56
N LEU A 251 -18.26 0.77 -5.14
CA LEU A 251 -17.81 2.14 -5.41
C LEU A 251 -17.52 2.30 -6.90
N PRO A 252 -18.53 2.09 -7.76
CA PRO A 252 -18.26 1.92 -9.18
C PRO A 252 -18.01 3.21 -9.94
N ALA A 253 -18.23 4.38 -9.32
CA ALA A 253 -18.06 5.66 -9.99
C ALA A 253 -16.96 6.48 -9.36
N THR A 254 -16.07 5.85 -8.59
CA THR A 254 -14.94 6.51 -7.94
C THR A 254 -13.63 6.07 -8.60
N THR A 255 -12.86 7.03 -9.11
CA THR A 255 -11.56 6.69 -9.67
C THR A 255 -10.67 7.93 -9.65
N GLY A 256 -9.36 7.68 -9.68
CA GLY A 256 -8.39 8.75 -9.52
C GLY A 256 -8.40 9.37 -8.15
N ASP A 257 -8.96 8.69 -7.17
CA ASP A 257 -9.40 9.35 -5.94
C ASP A 257 -8.70 8.75 -4.74
N ILE A 258 -9.00 9.34 -3.59
CA ILE A 258 -8.43 8.94 -2.30
C ILE A 258 -9.58 8.75 -1.33
N ILE A 259 -9.64 7.57 -0.71
CA ILE A 259 -10.58 7.26 0.34
C ILE A 259 -9.82 7.26 1.66
N TYR A 260 -10.30 8.00 2.65
CA TYR A 260 -9.59 8.16 3.92
C TYR A 260 -10.13 7.15 4.94
N ALA A 261 -9.28 6.19 5.34
CA ALA A 261 -9.59 5.22 6.37
C ALA A 261 -8.73 5.58 7.58
N ASP A 262 -9.10 6.69 8.21
CA ASP A 262 -8.26 7.32 9.22
C ASP A 262 -9.06 7.74 10.45
N GLY A 263 -10.26 7.19 10.63
CA GLY A 263 -11.14 7.57 11.72
C GLY A 263 -11.76 8.92 11.58
N GLY A 264 -11.62 9.57 10.42
CA GLY A 264 -12.05 10.94 10.25
C GLY A 264 -11.05 11.97 10.73
N ALA A 265 -9.84 11.55 11.12
CA ALA A 265 -8.91 12.51 11.73
C ALA A 265 -8.56 13.66 10.79
N HIS A 266 -8.49 13.41 9.48
CA HIS A 266 -8.09 14.50 8.60
C HIS A 266 -9.17 15.56 8.41
N THR A 267 -10.37 15.31 8.91
CA THR A 267 -11.47 16.27 8.78
C THR A 267 -11.59 17.18 9.98
N GLN A 268 -10.78 16.98 11.01
CA GLN A 268 -10.87 17.81 12.20
C GLN A 268 -9.55 18.50 12.48
N LEU A 269 -9.61 19.69 13.05
CA LEU A 269 -8.36 20.42 13.34
C LEU A 269 -7.86 19.99 14.72
N LEU A 270 -8.72 20.00 15.72
CA LEU A 270 -8.45 19.35 17.03
C LEU A 270 -9.74 18.78 17.64
PA NAD B . 5.43 -3.12 5.62
O1A NAD B . 6.87 -2.90 5.94
O2A NAD B . 4.71 -4.27 6.32
O5B NAD B . 5.19 -3.31 3.95
C5B NAD B . 6.06 -2.68 3.06
C4B NAD B . 6.14 -3.48 1.98
O4B NAD B . 6.90 -2.80 0.83
C3B NAD B . 7.03 -4.78 2.31
O3B NAD B . 6.27 -5.99 1.92
C2B NAD B . 8.05 -4.65 1.59
O2B NAD B . 8.58 -5.96 1.11
C1B NAD B . 7.49 -3.78 0.25
N9A NAD B . 8.61 -3.41 -0.59
C8A NAD B . 9.68 -2.69 -0.26
N7A NAD B . 10.51 -2.58 -1.31
C5A NAD B . 9.98 -3.28 -2.34
C6A NAD B . 10.35 -3.55 -3.68
N6A NAD B . 11.63 -3.02 -4.21
N1A NAD B . 9.54 -4.30 -4.44
C2A NAD B . 8.40 -4.78 -3.97
N3A NAD B . 8.00 -4.55 -2.71
C4A NAD B . 8.77 -3.80 -1.90
O3 NAD B . 4.69 -1.70 6.03
PN NAD B . 3.15 -1.26 5.69
O1N NAD B . 2.15 -2.37 5.70
O2N NAD B . 2.80 -0.20 6.70
O5D NAD B . 3.28 -0.59 4.19
C5D NAD B . 2.39 -0.94 3.11
C4D NAD B . 2.01 0.42 2.46
O4D NAD B . 0.95 1.17 3.46
C3D NAD B . 3.00 1.26 2.27
O3D NAD B . 2.73 2.01 1.01
C2D NAD B . 2.91 2.28 3.40
O2D NAD B . 3.50 3.51 3.08
C1D NAD B . 1.36 2.39 3.52
N1N NAD B . 0.88 3.03 4.77
C2N NAD B . 1.36 2.66 6.00
C3N NAD B . 0.87 3.28 7.13
C7N NAD B . 1.38 2.88 8.50
O7N NAD B . 1.25 3.58 9.40
N7N NAD B . 2.04 1.62 8.64
C4N NAD B . -0.10 4.27 7.04
C5N NAD B . -0.58 4.62 5.75
C6N NAD B . -0.05 3.96 4.65
C13 LT8 C . 7.82 2.92 8.69
C02 LT8 C . 4.31 4.26 6.11
C04 LT8 C . 4.14 5.08 7.38
C05 LT8 C . 2.99 5.83 7.55
C06 LT8 C . 2.81 6.59 8.70
C07 LT8 C . 3.80 6.60 9.67
C08 LT8 C . 4.95 5.85 9.49
C09 LT8 C . 5.13 5.08 8.34
C11 LT8 C . 7.14 4.46 7.23
C12 LT8 C . 8.14 3.54 7.50
N10 LT8 C . 6.26 4.37 8.22
N14 LT8 C . 6.68 3.44 9.12
O01 LT8 C . 4.45 3.01 6.18
O03 LT8 C . 4.31 4.84 5.00
#